data_9EXM
#
_entry.id   9EXM
#
_cell.length_a   93.156
_cell.length_b   93.156
_cell.length_c   246.213
_cell.angle_alpha   90
_cell.angle_beta   90
_cell.angle_gamma   120
#
_symmetry.space_group_name_H-M   'P 65 2 2'
#
loop_
_entity.id
_entity.type
_entity.pdbx_description
1 polymer 'Bifunctional epoxide hydrolase 2'
2 non-polymer GLYCEROL
3 non-polymer 'SULFATE ION'
4 non-polymer 'SODIUM ION'
5 water water
#
_entity_poly.entity_id   1
_entity_poly.type   'polypeptide(L)'
_entity_poly.pdbx_seq_one_letter_code
;GMTLRAAVFDLDGVLALPAVFGVLGRTEEALALPRGLLNDAFQKGGPEGATTRLMKGEITLSQWIPLMEENCRKCSETAK
VCLPKNFSIKEIFDKAISARKINRPMLQAALMLRKKGFTTAILTNTWLDDRAERDGLAQLMCELKMHFDFLIESCQVGMV
KPEPQIYKFLLDTLKASPSEVVFLDDIGANLKPARDLGMVTILVQDTDTALKELEKVTGIQLLNTPAPLPTSCNPSDMSH
GYVTVKPRVRLHFVELGSGPAVCLCHGFPESWYSWRYQIPALAQAGYRVLAMDMKGYGESSAPPEIEEYCMEVLCKEMVT
FLDKLGLSQAVFIGHDWGGMLVWYMALFYPERVRAVASLNTPFIPANPNMSPLESIKANPVFDYQLYFQEPGVAEAELEQ
NLSRTFKSLFRASDESVLSMHKVCEAGGLFVNSPEEPSLSRMVTEEEIQFYVQQFKKSGFRGPLNWYRNMERNWKWACKS
LGRKILIPALMVTAEKDFVLVPQMSQHMEDWIPHLKRGHIEDCGHWTQMDKPTEVNQILIKWLDSDARN
;
_entity_poly.pdbx_strand_id   A
#
loop_
_chem_comp.id
_chem_comp.type
_chem_comp.name
_chem_comp.formula
GOL non-polymer GLYCEROL 'C3 H8 O3'
NA non-polymer 'SODIUM ION' 'Na 1'
SO4 non-polymer 'SULFATE ION' 'O4 S -2'
#
# COMPACT_ATOMS: atom_id res chain seq x y z
N THR A 3 14.83 -29.44 -4.86
CA THR A 3 16.20 -28.91 -4.82
C THR A 3 16.23 -27.40 -5.16
N LEU A 4 15.28 -26.92 -6.00
CA LEU A 4 15.28 -25.49 -6.35
C LEU A 4 14.94 -24.66 -5.12
N ARG A 5 15.68 -23.58 -4.91
CA ARG A 5 15.38 -22.68 -3.81
C ARG A 5 15.60 -21.20 -4.20
N ALA A 6 15.86 -20.90 -5.49
CA ALA A 6 16.01 -19.53 -5.93
C ALA A 6 15.44 -19.31 -7.32
N ALA A 7 14.79 -18.17 -7.53
CA ALA A 7 14.21 -17.85 -8.83
C ALA A 7 14.68 -16.49 -9.26
N VAL A 8 15.18 -16.38 -10.49
CA VAL A 8 15.74 -15.17 -11.06
C VAL A 8 14.95 -14.80 -12.30
N PHE A 9 14.49 -13.56 -12.36
CA PHE A 9 13.70 -13.04 -13.46
C PHE A 9 14.36 -11.86 -14.17
N ASP A 10 14.27 -11.85 -15.49
CA ASP A 10 14.69 -10.70 -16.29
C ASP A 10 13.58 -9.63 -16.15
N LEU A 11 13.88 -8.40 -16.50
CA LEU A 11 12.90 -7.33 -16.47
C LEU A 11 12.16 -7.22 -17.82
N ASP A 12 12.81 -6.69 -18.86
CA ASP A 12 12.17 -6.51 -20.16
C ASP A 12 11.66 -7.82 -20.74
N GLY A 13 10.37 -7.89 -21.02
CA GLY A 13 9.78 -9.09 -21.62
C GLY A 13 9.46 -10.22 -20.66
N VAL A 14 9.79 -10.06 -19.36
CA VAL A 14 9.48 -11.09 -18.37
C VAL A 14 8.66 -10.43 -17.26
N LEU A 15 9.27 -9.55 -16.45
CA LEU A 15 8.51 -8.86 -15.39
C LEU A 15 7.77 -7.62 -15.89
N ALA A 16 8.10 -7.10 -17.08
CA ALA A 16 7.47 -5.91 -17.62
C ALA A 16 7.19 -6.05 -19.12
N LEU A 17 5.99 -5.67 -19.56
CA LEU A 17 5.53 -5.81 -20.95
C LEU A 17 4.69 -4.60 -21.38
N PRO A 18 4.62 -4.29 -22.69
CA PRO A 18 5.37 -4.90 -23.79
C PRO A 18 6.86 -4.60 -23.67
N ALA A 19 7.71 -5.55 -24.08
CA ALA A 19 9.15 -5.35 -24.05
C ALA A 19 9.58 -4.13 -24.85
N VAL A 20 10.42 -3.25 -24.26
CA VAL A 20 11.00 -2.08 -24.90
C VAL A 20 11.79 -2.52 -26.12
N PHE A 21 12.57 -3.60 -25.99
CA PHE A 21 13.38 -4.13 -27.11
C PHE A 21 12.52 -4.47 -28.35
N GLY A 22 11.26 -4.82 -28.13
CA GLY A 22 10.31 -5.14 -29.21
C GLY A 22 9.91 -3.94 -30.05
N VAL A 23 10.17 -2.71 -29.56
CA VAL A 23 9.84 -1.50 -30.27
C VAL A 23 10.67 -1.33 -31.54
N LEU A 24 11.87 -1.95 -31.61
CA LEU A 24 12.69 -1.82 -32.80
C LEU A 24 12.00 -2.51 -33.97
N GLY A 25 11.49 -3.72 -33.76
CA GLY A 25 10.75 -4.45 -34.79
C GLY A 25 9.44 -3.79 -35.16
N ARG A 26 8.72 -3.26 -34.13
CA ARG A 26 7.45 -2.57 -34.34
C ARG A 26 7.65 -1.27 -35.13
N THR A 27 8.75 -0.56 -34.89
CA THR A 27 9.05 0.68 -35.59
C THR A 27 9.42 0.38 -37.02
N GLU A 28 10.23 -0.68 -37.25
CA GLU A 28 10.57 -1.07 -38.61
C GLU A 28 9.32 -1.37 -39.44
N GLU A 29 8.36 -2.15 -38.88
CA GLU A 29 7.11 -2.50 -39.57
C GLU A 29 6.21 -1.28 -39.80
N ALA A 30 6.06 -0.39 -38.78
CA ALA A 30 5.21 0.81 -38.96
C ALA A 30 5.76 1.75 -40.02
N LEU A 31 7.10 1.89 -40.10
CA LEU A 31 7.75 2.77 -41.07
C LEU A 31 8.11 2.09 -42.39
N ALA A 32 7.82 0.78 -42.54
CA ALA A 32 8.17 -0.03 -43.71
C ALA A 32 9.69 0.06 -44.02
N LEU A 33 10.51 -0.04 -42.97
CA LEU A 33 11.96 -0.08 -43.11
C LEU A 33 12.36 -1.54 -43.38
N PRO A 34 13.56 -1.81 -43.93
CA PRO A 34 14.00 -3.21 -44.09
C PRO A 34 13.97 -3.97 -42.77
N ARG A 35 13.57 -5.24 -42.79
CA ARG A 35 13.49 -6.03 -41.55
C ARG A 35 14.87 -6.10 -40.87
N GLY A 36 14.86 -5.89 -39.56
CA GLY A 36 16.05 -5.91 -38.74
C GLY A 36 16.93 -4.69 -38.78
N LEU A 37 16.62 -3.66 -39.58
CA LEU A 37 17.46 -2.47 -39.68
C LEU A 37 17.77 -1.80 -38.31
N LEU A 38 16.73 -1.52 -37.53
CA LEU A 38 16.89 -0.87 -36.24
C LEU A 38 17.48 -1.80 -35.20
N ASN A 39 17.17 -3.12 -35.27
CA ASN A 39 17.77 -4.08 -34.36
C ASN A 39 19.28 -4.24 -34.66
N ASP A 40 19.68 -4.13 -35.93
CA ASP A 40 21.11 -4.23 -36.30
C ASP A 40 21.85 -2.97 -35.78
N ALA A 41 21.22 -1.79 -35.88
CA ALA A 41 21.82 -0.56 -35.39
C ALA A 41 21.98 -0.61 -33.86
N PHE A 42 21.00 -1.24 -33.16
CA PHE A 42 21.02 -1.36 -31.71
C PHE A 42 22.18 -2.23 -31.23
N GLN A 43 22.43 -3.35 -31.94
CA GLN A 43 23.52 -4.25 -31.52
C GLN A 43 24.84 -4.03 -32.26
N LYS A 44 24.95 -2.97 -33.07
CA LYS A 44 26.15 -2.65 -33.81
C LYS A 44 27.42 -2.60 -32.95
N GLY A 45 28.47 -3.30 -33.39
CA GLY A 45 29.74 -3.33 -32.67
C GLY A 45 29.89 -4.42 -31.64
N GLY A 46 28.78 -5.09 -31.31
CA GLY A 46 28.78 -6.17 -30.32
C GLY A 46 29.33 -5.75 -28.97
N PRO A 47 30.22 -6.59 -28.39
CA PRO A 47 30.81 -6.26 -27.08
C PRO A 47 31.57 -4.93 -27.00
N GLU A 48 31.98 -4.40 -28.14
CA GLU A 48 32.71 -3.15 -28.22
C GLU A 48 31.84 -1.93 -28.68
N GLY A 49 30.58 -2.17 -29.01
CA GLY A 49 29.70 -1.11 -29.49
C GLY A 49 29.05 -0.25 -28.43
N ALA A 50 28.33 0.78 -28.87
CA ALA A 50 27.67 1.76 -28.01
C ALA A 50 26.69 1.16 -27.01
N THR A 51 25.86 0.19 -27.43
CA THR A 51 24.87 -0.39 -26.52
C THR A 51 25.50 -1.19 -25.39
N THR A 52 26.65 -1.87 -25.63
CA THR A 52 27.30 -2.59 -24.53
C THR A 52 27.88 -1.59 -23.51
N ARG A 53 28.44 -0.49 -24.01
CA ARG A 53 28.99 0.59 -23.15
C ARG A 53 27.85 1.17 -22.28
N LEU A 54 26.68 1.42 -22.89
CA LEU A 54 25.49 1.86 -22.18
C LEU A 54 25.09 0.84 -21.07
N MET A 55 24.95 -0.46 -21.43
CA MET A 55 24.50 -1.47 -20.49
C MET A 55 25.51 -1.73 -19.36
N LYS A 56 26.80 -1.46 -19.59
CA LYS A 56 27.80 -1.63 -18.53
C LYS A 56 27.92 -0.35 -17.65
N GLY A 57 27.19 0.71 -17.98
CA GLY A 57 27.23 1.94 -17.18
C GLY A 57 28.40 2.84 -17.54
N GLU A 58 29.06 2.62 -18.70
CA GLU A 58 30.17 3.49 -19.10
C GLU A 58 29.66 4.86 -19.50
N ILE A 59 28.47 4.93 -20.13
CA ILE A 59 27.82 6.15 -20.57
C ILE A 59 26.35 6.09 -20.14
N THR A 60 25.66 7.24 -20.15
CA THR A 60 24.25 7.29 -19.80
C THR A 60 23.33 7.15 -21.05
N LEU A 61 22.01 6.97 -20.84
CA LEU A 61 21.08 6.88 -21.97
C LEU A 61 21.12 8.09 -22.90
N SER A 62 21.18 9.33 -22.34
CA SER A 62 21.21 10.53 -23.18
C SER A 62 22.48 10.63 -23.98
N GLN A 63 23.61 10.14 -23.47
CA GLN A 63 24.84 10.12 -24.26
C GLN A 63 24.72 9.05 -25.39
N TRP A 64 24.01 7.95 -25.14
CA TRP A 64 23.89 6.85 -26.09
C TRP A 64 22.96 7.19 -27.24
N ILE A 65 21.90 7.97 -26.98
CA ILE A 65 20.90 8.32 -28.01
C ILE A 65 21.55 8.81 -29.35
N PRO A 66 22.49 9.79 -29.39
CA PRO A 66 23.11 10.15 -30.68
C PRO A 66 24.00 9.05 -31.30
N LEU A 67 24.61 8.16 -30.48
CA LEU A 67 25.41 7.05 -31.00
C LEU A 67 24.48 6.04 -31.71
N MET A 68 23.31 5.78 -31.12
CA MET A 68 22.33 4.87 -31.72
C MET A 68 21.84 5.46 -33.04
N GLU A 69 21.57 6.78 -33.06
CA GLU A 69 21.14 7.47 -34.28
C GLU A 69 22.15 7.38 -35.38
N GLU A 70 23.46 7.52 -35.05
CA GLU A 70 24.51 7.38 -36.05
C GLU A 70 24.54 5.95 -36.59
N ASN A 71 24.37 4.95 -35.70
CA ASN A 71 24.33 3.54 -36.11
C ASN A 71 23.14 3.26 -37.03
N CYS A 72 22.00 3.93 -36.80
CA CYS A 72 20.82 3.76 -37.64
C CYS A 72 21.08 4.22 -39.05
N ARG A 73 21.84 5.29 -39.22
CA ARG A 73 22.21 5.82 -40.54
C ARG A 73 23.25 4.94 -41.25
N LYS A 74 24.19 4.36 -40.50
CA LYS A 74 25.19 3.46 -41.10
C LYS A 74 24.51 2.17 -41.60
N CYS A 75 23.47 1.69 -40.89
CA CYS A 75 22.72 0.50 -41.29
C CYS A 75 21.83 0.80 -42.50
N SER A 76 21.17 1.98 -42.49
N SER A 76 21.19 1.99 -42.48
CA SER A 76 20.29 2.37 -43.59
CA SER A 76 20.30 2.48 -43.53
C SER A 76 21.08 2.62 -44.88
C SER A 76 21.05 2.69 -44.85
N GLU A 77 22.31 3.15 -44.76
CA GLU A 77 23.14 3.41 -45.94
C GLU A 77 23.58 2.09 -46.58
N THR A 78 23.93 1.08 -45.77
CA THR A 78 24.33 -0.23 -46.32
C THR A 78 23.13 -0.97 -46.94
N ALA A 79 21.92 -0.77 -46.39
CA ALA A 79 20.68 -1.37 -46.92
C ALA A 79 20.11 -0.60 -48.13
N LYS A 80 20.65 0.61 -48.42
CA LYS A 80 20.25 1.51 -49.51
C LYS A 80 18.84 2.08 -49.31
N VAL A 81 18.48 2.39 -48.06
CA VAL A 81 17.18 2.94 -47.72
C VAL A 81 17.29 4.29 -46.95
N CYS A 82 16.15 5.01 -46.76
CA CYS A 82 16.17 6.27 -46.03
C CYS A 82 15.19 6.32 -44.85
N LEU A 83 15.67 6.79 -43.70
CA LEU A 83 14.88 6.96 -42.48
C LEU A 83 13.98 8.18 -42.62
N PRO A 84 12.77 8.17 -41.99
CA PRO A 84 11.87 9.33 -42.10
C PRO A 84 12.44 10.66 -41.60
N LYS A 85 11.85 11.77 -42.09
CA LYS A 85 12.21 13.15 -41.78
C LYS A 85 12.27 13.44 -40.26
N ASN A 86 11.22 13.07 -39.52
CA ASN A 86 11.17 13.34 -38.08
C ASN A 86 11.65 12.14 -37.24
N PHE A 87 12.56 11.30 -37.79
CA PHE A 87 13.06 10.12 -37.07
C PHE A 87 13.72 10.46 -35.74
N SER A 88 13.14 9.96 -34.64
CA SER A 88 13.70 10.23 -33.33
C SER A 88 13.81 9.00 -32.45
N ILE A 89 15.04 8.61 -32.13
CA ILE A 89 15.31 7.50 -31.22
C ILE A 89 14.78 7.86 -29.83
N LYS A 90 14.98 9.10 -29.39
CA LYS A 90 14.50 9.54 -28.07
C LYS A 90 12.99 9.41 -28.00
N GLU A 91 12.26 9.84 -29.05
CA GLU A 91 10.79 9.71 -29.06
C GLU A 91 10.34 8.25 -29.05
N ILE A 92 11.00 7.41 -29.84
CA ILE A 92 10.67 5.98 -29.89
C ILE A 92 10.88 5.32 -28.52
N PHE A 93 12.02 5.59 -27.87
CA PHE A 93 12.33 5.00 -26.58
C PHE A 93 11.48 5.58 -25.46
N ASP A 94 11.15 6.90 -25.50
CA ASP A 94 10.28 7.53 -24.52
C ASP A 94 8.91 6.82 -24.51
N LYS A 95 8.33 6.59 -25.70
CA LYS A 95 7.02 5.94 -25.78
C LYS A 95 7.05 4.52 -25.36
N ALA A 96 8.10 3.78 -25.75
CA ALA A 96 8.21 2.38 -25.41
C ALA A 96 8.36 2.18 -23.90
N ILE A 97 9.20 3.01 -23.26
CA ILE A 97 9.41 2.90 -21.81
C ILE A 97 8.11 3.21 -21.04
N SER A 98 7.39 4.22 -21.50
CA SER A 98 6.14 4.66 -20.93
C SER A 98 5.04 3.60 -21.12
N ALA A 99 5.02 2.90 -22.27
CA ALA A 99 4.00 1.87 -22.50
C ALA A 99 4.27 0.58 -21.72
N ARG A 100 5.53 0.33 -21.35
CA ARG A 100 5.90 -0.88 -20.66
C ARG A 100 5.45 -0.83 -19.20
N LYS A 101 4.61 -1.79 -18.81
CA LYS A 101 4.06 -1.86 -17.47
C LYS A 101 4.46 -3.17 -16.81
N ILE A 102 4.28 -3.27 -15.49
CA ILE A 102 4.52 -4.53 -14.78
C ILE A 102 3.59 -5.64 -15.36
N ASN A 103 4.17 -6.86 -15.52
CA ASN A 103 3.48 -8.05 -16.00
C ASN A 103 2.91 -8.68 -14.75
N ARG A 104 1.69 -8.27 -14.35
CA ARG A 104 1.14 -8.69 -13.07
C ARG A 104 1.11 -10.19 -12.81
N PRO A 105 0.74 -11.12 -13.75
CA PRO A 105 0.82 -12.55 -13.43
C PRO A 105 2.25 -13.03 -13.14
N MET A 106 3.27 -12.46 -13.81
CA MET A 106 4.66 -12.88 -13.57
C MET A 106 5.06 -12.40 -12.15
N LEU A 107 4.70 -11.15 -11.81
CA LEU A 107 5.00 -10.64 -10.44
C LEU A 107 4.30 -11.48 -9.37
N GLN A 108 3.04 -11.85 -9.62
N GLN A 108 3.01 -11.87 -9.58
CA GLN A 108 2.25 -12.68 -8.70
CA GLN A 108 2.33 -12.70 -8.57
C GLN A 108 2.95 -14.03 -8.44
C GLN A 108 3.00 -14.05 -8.41
N ALA A 109 3.53 -14.62 -9.50
CA ALA A 109 4.24 -15.90 -9.42
C ALA A 109 5.53 -15.71 -8.60
N ALA A 110 6.29 -14.63 -8.83
CA ALA A 110 7.52 -14.37 -8.05
C ALA A 110 7.19 -14.21 -6.56
N LEU A 111 6.10 -13.46 -6.24
CA LEU A 111 5.66 -13.28 -4.86
C LEU A 111 5.29 -14.60 -4.18
N MET A 112 4.62 -15.49 -4.92
N MET A 112 4.62 -15.50 -4.91
CA MET A 112 4.22 -16.77 -4.40
CA MET A 112 4.22 -16.79 -4.35
C MET A 112 5.44 -17.64 -4.08
C MET A 112 5.44 -17.65 -4.07
N LEU A 113 6.44 -17.65 -4.99
CA LEU A 113 7.66 -18.43 -4.76
C LEU A 113 8.40 -17.90 -3.54
N ARG A 114 8.47 -16.57 -3.40
CA ARG A 114 9.10 -15.96 -2.22
C ARG A 114 8.34 -16.35 -0.94
N LYS A 115 7.00 -16.39 -0.99
CA LYS A 115 6.18 -16.80 0.15
C LYS A 115 6.46 -18.26 0.54
N LYS A 116 6.80 -19.10 -0.44
CA LYS A 116 7.12 -20.50 -0.19
C LYS A 116 8.60 -20.75 0.12
N GLY A 117 9.34 -19.70 0.48
CA GLY A 117 10.73 -19.85 0.90
C GLY A 117 11.81 -19.62 -0.13
N PHE A 118 11.45 -19.31 -1.38
CA PHE A 118 12.46 -19.06 -2.40
C PHE A 118 13.14 -17.73 -2.18
N THR A 119 14.41 -17.64 -2.57
CA THR A 119 15.13 -16.38 -2.62
C THR A 119 14.86 -15.88 -4.06
N THR A 120 14.34 -14.66 -4.23
CA THR A 120 14.05 -14.18 -5.59
C THR A 120 14.93 -13.00 -5.96
N ALA A 121 15.19 -12.84 -7.23
CA ALA A 121 15.99 -11.74 -7.72
C ALA A 121 15.59 -11.30 -9.10
N ILE A 122 15.86 -10.04 -9.41
CA ILE A 122 15.73 -9.52 -10.74
C ILE A 122 17.17 -9.35 -11.22
N LEU A 123 17.46 -9.85 -12.43
CA LEU A 123 18.77 -9.66 -13.05
C LEU A 123 18.47 -9.06 -14.40
N THR A 124 18.98 -7.87 -14.67
CA THR A 124 18.64 -7.18 -15.92
C THR A 124 19.79 -6.40 -16.53
N ASN A 125 19.84 -6.38 -17.87
CA ASN A 125 20.75 -5.53 -18.57
C ASN A 125 19.96 -4.22 -18.67
N THR A 126 20.43 -3.18 -18.00
CA THR A 126 19.72 -1.89 -18.04
C THR A 126 20.72 -0.71 -18.09
N TRP A 127 20.21 0.51 -18.20
CA TRP A 127 21.04 1.69 -18.37
C TRP A 127 20.83 2.73 -17.26
N LEU A 128 21.72 3.73 -17.24
CA LEU A 128 21.63 4.88 -16.36
C LEU A 128 20.73 5.87 -17.10
N ASP A 129 19.49 6.00 -16.62
CA ASP A 129 18.51 6.83 -17.30
C ASP A 129 18.50 8.26 -16.81
N ASP A 130 19.02 9.16 -17.63
CA ASP A 130 19.05 10.59 -17.32
C ASP A 130 18.12 11.40 -18.24
N ARG A 131 17.14 10.75 -18.85
CA ARG A 131 16.18 11.47 -19.68
C ARG A 131 15.32 12.40 -18.83
N ALA A 132 14.73 13.42 -19.44
CA ALA A 132 13.80 14.31 -18.72
C ALA A 132 12.62 13.52 -18.14
N GLU A 133 12.21 12.42 -18.80
CA GLU A 133 11.08 11.58 -18.39
C GLU A 133 11.46 10.36 -17.53
N ARG A 134 12.70 10.34 -16.97
CA ARG A 134 13.19 9.21 -16.21
C ARG A 134 12.37 8.81 -14.97
N ASP A 135 11.56 9.72 -14.41
CA ASP A 135 10.74 9.42 -13.23
C ASP A 135 9.80 8.23 -13.43
N GLY A 136 9.20 8.10 -14.61
CA GLY A 136 8.29 7.00 -14.87
C GLY A 136 8.90 5.63 -14.66
N LEU A 137 10.11 5.42 -15.19
CA LEU A 137 10.79 4.14 -15.00
C LEU A 137 11.32 4.02 -13.55
N ALA A 138 11.68 5.15 -12.90
CA ALA A 138 12.11 5.11 -11.49
C ALA A 138 10.93 4.59 -10.63
N GLN A 139 9.70 5.04 -10.92
CA GLN A 139 8.53 4.58 -10.18
C GLN A 139 8.30 3.08 -10.38
N LEU A 140 8.40 2.61 -11.64
CA LEU A 140 8.19 1.20 -11.97
C LEU A 140 9.21 0.32 -11.23
N MET A 141 10.48 0.74 -11.26
CA MET A 141 11.52 -0.01 -10.54
C MET A 141 11.28 -0.04 -9.04
N CYS A 142 10.78 1.08 -8.46
CA CYS A 142 10.47 1.08 -7.03
C CYS A 142 9.40 0.13 -6.68
N GLU A 143 8.33 0.08 -7.50
CA GLU A 143 7.25 -0.84 -7.21
C GLU A 143 7.73 -2.30 -7.31
N LEU A 144 8.46 -2.62 -8.39
CA LEU A 144 8.94 -3.98 -8.57
C LEU A 144 9.94 -4.46 -7.52
N LYS A 145 11.00 -3.67 -7.23
CA LYS A 145 12.10 -4.11 -6.39
C LYS A 145 11.74 -4.46 -4.98
N MET A 146 10.72 -3.80 -4.42
CA MET A 146 10.30 -4.10 -3.06
C MET A 146 9.84 -5.54 -2.88
N HIS A 147 9.49 -6.24 -3.99
CA HIS A 147 9.00 -7.62 -3.91
C HIS A 147 10.09 -8.68 -4.06
N PHE A 148 11.33 -8.27 -4.25
CA PHE A 148 12.42 -9.22 -4.49
C PHE A 148 13.54 -9.10 -3.45
N ASP A 149 14.26 -10.21 -3.23
CA ASP A 149 15.39 -10.17 -2.29
C ASP A 149 16.54 -9.38 -2.87
N PHE A 150 16.76 -9.46 -4.20
CA PHE A 150 17.86 -8.75 -4.84
C PHE A 150 17.47 -8.18 -6.19
N LEU A 151 18.10 -7.05 -6.54
CA LEU A 151 17.97 -6.42 -7.85
C LEU A 151 19.40 -6.24 -8.35
N ILE A 152 19.75 -6.86 -9.48
CA ILE A 152 21.09 -6.76 -10.05
C ILE A 152 20.97 -6.13 -11.39
N GLU A 153 21.55 -4.95 -11.55
CA GLU A 153 21.47 -4.18 -12.77
C GLU A 153 22.82 -4.08 -13.40
N SER A 154 22.91 -4.44 -14.69
CA SER A 154 24.17 -4.44 -15.44
C SER A 154 24.96 -3.12 -15.31
N CYS A 155 24.28 -1.97 -15.42
CA CYS A 155 24.96 -0.67 -15.36
C CYS A 155 25.51 -0.33 -13.96
N GLN A 156 25.07 -1.03 -12.94
N GLN A 156 25.06 -1.03 -12.93
CA GLN A 156 25.60 -0.81 -11.58
CA GLN A 156 25.55 -0.79 -11.57
C GLN A 156 26.83 -1.70 -11.38
C GLN A 156 26.65 -1.81 -11.14
N VAL A 157 26.76 -2.95 -11.85
CA VAL A 157 27.83 -3.91 -11.58
C VAL A 157 28.94 -3.90 -12.66
N GLY A 158 28.74 -3.18 -13.76
CA GLY A 158 29.72 -3.08 -14.84
C GLY A 158 29.92 -4.35 -15.65
N MET A 159 28.94 -5.25 -15.61
CA MET A 159 28.95 -6.54 -16.30
C MET A 159 27.63 -6.70 -17.01
N VAL A 160 27.61 -7.39 -18.17
CA VAL A 160 26.35 -7.57 -18.89
C VAL A 160 26.11 -9.02 -19.22
N LYS A 161 24.84 -9.39 -19.38
CA LYS A 161 24.50 -10.68 -19.94
C LYS A 161 24.78 -10.49 -21.48
N PRO A 162 25.37 -11.49 -22.18
CA PRO A 162 25.65 -12.87 -21.73
C PRO A 162 27.08 -13.20 -21.26
N GLU A 163 27.85 -12.21 -20.75
N GLU A 163 27.85 -12.22 -20.79
CA GLU A 163 29.21 -12.45 -20.25
CA GLU A 163 29.23 -12.49 -20.32
C GLU A 163 29.17 -13.40 -19.07
C GLU A 163 29.19 -13.38 -19.08
N PRO A 164 30.11 -14.35 -18.96
CA PRO A 164 30.05 -15.29 -17.82
C PRO A 164 30.13 -14.71 -16.41
N GLN A 165 30.80 -13.56 -16.24
CA GLN A 165 31.02 -12.99 -14.92
C GLN A 165 29.74 -12.58 -14.22
N ILE A 166 28.75 -12.06 -14.93
CA ILE A 166 27.50 -11.63 -14.29
C ILE A 166 26.76 -12.85 -13.71
N TYR A 167 26.89 -14.05 -14.32
CA TYR A 167 26.25 -15.24 -13.79
C TYR A 167 26.92 -15.71 -12.52
N LYS A 168 28.29 -15.66 -12.47
CA LYS A 168 28.98 -16.03 -11.25
C LYS A 168 28.67 -14.99 -10.15
N PHE A 169 28.54 -13.71 -10.50
CA PHE A 169 28.19 -12.66 -9.55
C PHE A 169 26.78 -12.95 -8.97
N LEU A 170 25.84 -13.35 -9.84
CA LEU A 170 24.47 -13.70 -9.42
C LEU A 170 24.49 -14.86 -8.41
N LEU A 171 25.20 -15.96 -8.73
CA LEU A 171 25.29 -17.11 -7.83
C LEU A 171 25.92 -16.77 -6.48
N ASP A 172 26.92 -15.89 -6.47
CA ASP A 172 27.55 -15.48 -5.24
C ASP A 172 26.55 -14.66 -4.41
N THR A 173 25.79 -13.78 -5.06
CA THR A 173 24.78 -12.97 -4.41
C THR A 173 23.68 -13.82 -3.78
N LEU A 174 23.22 -14.86 -4.51
CA LEU A 174 22.17 -15.78 -4.07
C LEU A 174 22.67 -16.79 -3.02
N LYS A 175 24.00 -16.98 -2.89
CA LYS A 175 24.62 -17.98 -1.98
C LYS A 175 24.06 -19.36 -2.34
N ALA A 176 23.99 -19.67 -3.65
CA ALA A 176 23.40 -20.93 -4.11
C ALA A 176 24.18 -21.57 -5.23
N SER A 177 24.09 -22.91 -5.33
CA SER A 177 24.72 -23.63 -6.44
C SER A 177 23.79 -23.50 -7.65
N PRO A 178 24.35 -23.55 -8.88
CA PRO A 178 23.51 -23.35 -10.06
C PRO A 178 22.30 -24.27 -10.22
N SER A 179 22.39 -25.53 -9.75
CA SER A 179 21.25 -26.45 -9.88
C SER A 179 20.06 -26.12 -8.94
N GLU A 180 20.27 -25.21 -7.98
CA GLU A 180 19.23 -24.75 -7.06
C GLU A 180 18.52 -23.47 -7.59
N VAL A 181 18.88 -22.98 -8.78
CA VAL A 181 18.33 -21.76 -9.34
C VAL A 181 17.53 -22.01 -10.63
N VAL A 182 16.33 -21.36 -10.75
CA VAL A 182 15.50 -21.29 -11.95
C VAL A 182 15.77 -19.89 -12.48
N PHE A 183 16.01 -19.77 -13.76
CA PHE A 183 16.37 -18.51 -14.39
C PHE A 183 15.45 -18.27 -15.60
N LEU A 184 14.71 -17.16 -15.59
CA LEU A 184 13.74 -16.83 -16.63
C LEU A 184 14.16 -15.65 -17.44
N ASP A 185 14.21 -15.82 -18.77
CA ASP A 185 14.66 -14.76 -19.67
C ASP A 185 13.92 -14.85 -21.00
N ASP A 186 13.70 -13.73 -21.68
CA ASP A 186 13.01 -13.73 -22.98
C ASP A 186 14.01 -13.76 -24.16
N ILE A 187 15.34 -13.63 -23.88
CA ILE A 187 16.38 -13.63 -24.93
C ILE A 187 17.20 -14.92 -24.81
N GLY A 188 17.15 -15.76 -25.83
CA GLY A 188 17.81 -17.06 -25.81
C GLY A 188 19.31 -17.05 -25.54
N ALA A 189 20.00 -16.09 -26.13
CA ALA A 189 21.44 -15.88 -25.98
C ALA A 189 21.80 -15.55 -24.52
N ASN A 190 20.92 -14.82 -23.80
CA ASN A 190 21.19 -14.48 -22.39
C ASN A 190 20.87 -15.61 -21.42
N LEU A 191 20.10 -16.59 -21.88
CA LEU A 191 19.72 -17.76 -21.11
C LEU A 191 20.81 -18.86 -21.22
N LYS A 192 21.47 -18.95 -22.38
CA LYS A 192 22.50 -19.93 -22.68
C LYS A 192 23.59 -20.03 -21.61
N PRO A 193 24.24 -18.92 -21.14
CA PRO A 193 25.29 -19.09 -20.11
C PRO A 193 24.79 -19.67 -18.82
N ALA A 194 23.52 -19.38 -18.44
CA ALA A 194 22.97 -19.94 -17.20
C ALA A 194 22.74 -21.44 -17.34
N ARG A 195 22.28 -21.89 -18.51
CA ARG A 195 22.08 -23.32 -18.76
C ARG A 195 23.44 -24.06 -18.70
N ASP A 196 24.51 -23.46 -19.27
CA ASP A 196 25.88 -24.04 -19.23
C ASP A 196 26.37 -24.27 -17.81
N LEU A 197 26.00 -23.40 -16.86
CA LEU A 197 26.38 -23.59 -15.46
C LEU A 197 25.60 -24.68 -14.75
N GLY A 198 24.45 -25.08 -15.32
CA GLY A 198 23.58 -26.10 -14.74
C GLY A 198 22.30 -25.53 -14.14
N MET A 199 21.96 -24.27 -14.47
CA MET A 199 20.73 -23.68 -13.94
C MET A 199 19.54 -24.19 -14.71
N VAL A 200 18.38 -24.31 -14.03
CA VAL A 200 17.14 -24.60 -14.74
C VAL A 200 16.76 -23.29 -15.42
N THR A 201 16.44 -23.33 -16.70
CA THR A 201 16.17 -22.13 -17.47
C THR A 201 14.81 -22.20 -18.14
N ILE A 202 14.17 -21.04 -18.25
CA ILE A 202 12.89 -20.94 -18.92
C ILE A 202 12.96 -19.83 -19.93
N LEU A 203 12.73 -20.14 -21.21
CA LEU A 203 12.70 -19.16 -22.28
C LEU A 203 11.29 -18.64 -22.33
N VAL A 204 11.13 -17.35 -22.03
CA VAL A 204 9.84 -16.70 -21.94
C VAL A 204 9.40 -16.05 -23.24
N GLN A 205 8.29 -16.57 -23.81
CA GLN A 205 7.66 -15.89 -24.95
C GLN A 205 6.33 -15.39 -24.36
N ASP A 206 5.28 -16.23 -24.30
CA ASP A 206 4.03 -15.83 -23.64
C ASP A 206 4.12 -16.20 -22.16
N THR A 207 3.58 -15.32 -21.30
CA THR A 207 3.65 -15.55 -19.86
C THR A 207 3.01 -16.86 -19.42
N ASP A 208 1.83 -17.19 -19.97
CA ASP A 208 1.14 -18.40 -19.54
C ASP A 208 1.98 -19.68 -19.70
N THR A 209 2.68 -19.83 -20.82
CA THR A 209 3.51 -21.05 -21.04
C THR A 209 4.71 -21.04 -20.12
N ALA A 210 5.33 -19.85 -19.95
CA ALA A 210 6.46 -19.71 -19.01
C ALA A 210 6.03 -20.12 -17.58
N LEU A 211 4.85 -19.67 -17.12
CA LEU A 211 4.39 -20.04 -15.77
C LEU A 211 4.03 -21.52 -15.64
N LYS A 212 3.57 -22.15 -16.74
CA LYS A 212 3.29 -23.60 -16.72
C LYS A 212 4.63 -24.34 -16.51
N GLU A 213 5.71 -23.88 -17.21
CA GLU A 213 7.03 -24.49 -17.04
C GLU A 213 7.55 -24.27 -15.61
N LEU A 214 7.36 -23.05 -15.09
CA LEU A 214 7.83 -22.69 -13.75
C LEU A 214 7.12 -23.50 -12.69
N GLU A 215 5.82 -23.71 -12.85
CA GLU A 215 5.00 -24.48 -11.94
C GLU A 215 5.46 -25.94 -11.93
N LYS A 216 5.70 -26.50 -13.11
CA LYS A 216 6.11 -27.89 -13.24
C LYS A 216 7.48 -28.13 -12.64
N VAL A 217 8.42 -27.18 -12.85
CA VAL A 217 9.77 -27.39 -12.37
C VAL A 217 9.88 -27.12 -10.86
N THR A 218 9.06 -26.20 -10.29
CA THR A 218 9.12 -25.91 -8.85
C THR A 218 8.15 -26.74 -8.00
N GLY A 219 7.12 -27.30 -8.64
CA GLY A 219 6.09 -28.07 -7.94
C GLY A 219 5.14 -27.19 -7.13
N ILE A 220 5.14 -25.88 -7.38
CA ILE A 220 4.30 -24.92 -6.65
C ILE A 220 3.22 -24.38 -7.56
N GLN A 221 1.97 -24.34 -7.08
CA GLN A 221 0.87 -23.80 -7.86
C GLN A 221 1.05 -22.28 -8.07
N LEU A 222 1.16 -21.86 -9.31
CA LEU A 222 1.36 -20.45 -9.66
C LEU A 222 0.26 -19.92 -10.57
N LEU A 223 -0.34 -20.80 -11.37
CA LEU A 223 -1.38 -20.40 -12.30
C LEU A 223 -2.76 -20.69 -11.70
N ASN A 224 -3.78 -19.93 -12.09
CA ASN A 224 -5.16 -20.20 -11.62
C ASN A 224 -5.34 -20.02 -10.11
N THR A 225 -4.42 -19.32 -9.42
CA THR A 225 -4.47 -19.20 -7.96
C THR A 225 -5.55 -18.23 -7.45
N PRO A 226 -5.94 -18.33 -6.16
CA PRO A 226 -6.92 -17.35 -5.64
C PRO A 226 -6.35 -15.93 -5.68
N ALA A 227 -7.24 -14.90 -5.71
CA ALA A 227 -6.80 -13.50 -5.72
C ALA A 227 -6.00 -13.19 -4.46
N PRO A 228 -4.74 -12.74 -4.61
CA PRO A 228 -3.91 -12.48 -3.42
C PRO A 228 -4.32 -11.20 -2.68
N LEU A 229 -3.93 -11.08 -1.41
CA LEU A 229 -4.22 -9.85 -0.65
C LEU A 229 -3.37 -8.69 -1.21
N PRO A 230 -3.78 -7.42 -1.01
CA PRO A 230 -2.88 -6.30 -1.36
C PRO A 230 -1.60 -6.40 -0.53
N THR A 231 -0.52 -5.72 -0.96
CA THR A 231 0.76 -5.68 -0.23
C THR A 231 0.51 -5.09 1.16
N SER A 232 1.17 -5.62 2.17
CA SER A 232 1.00 -5.12 3.54
C SER A 232 2.28 -4.30 3.96
N CYS A 233 2.40 -3.87 5.20
CA CYS A 233 3.56 -3.08 5.67
C CYS A 233 4.36 -3.89 6.61
N ASN A 234 5.69 -3.80 6.51
CA ASN A 234 6.55 -4.37 7.52
C ASN A 234 6.96 -3.18 8.36
N PRO A 235 6.58 -3.14 9.65
CA PRO A 235 6.86 -1.95 10.48
C PRO A 235 8.29 -1.45 10.49
N SER A 236 9.27 -2.36 10.48
CA SER A 236 10.68 -1.98 10.50
C SER A 236 11.20 -1.42 9.17
N ASP A 237 10.42 -1.55 8.09
CA ASP A 237 10.77 -0.98 6.81
C ASP A 237 10.13 0.39 6.54
N MET A 238 9.35 0.92 7.50
CA MET A 238 8.64 2.16 7.27
C MET A 238 9.43 3.37 7.81
N SER A 239 9.11 4.55 7.29
CA SER A 239 9.65 5.79 7.83
C SER A 239 8.73 6.15 9.02
N HIS A 240 9.30 6.39 10.22
CA HIS A 240 8.54 6.75 11.41
C HIS A 240 8.79 8.21 11.74
N GLY A 241 7.72 8.98 11.90
CA GLY A 241 7.77 10.41 12.18
C GLY A 241 7.16 10.73 13.53
N TYR A 242 7.68 11.81 14.15
CA TYR A 242 7.24 12.20 15.49
C TYR A 242 7.13 13.71 15.55
N VAL A 243 5.98 14.23 16.01
CA VAL A 243 5.75 15.66 16.10
C VAL A 243 5.29 15.98 17.51
N THR A 244 5.91 16.96 18.20
CA THR A 244 5.40 17.37 19.52
C THR A 244 4.33 18.43 19.29
N VAL A 245 3.08 18.18 19.67
CA VAL A 245 2.01 19.14 19.44
C VAL A 245 1.78 20.07 20.66
N LYS A 246 2.30 19.72 21.82
CA LYS A 246 2.25 20.52 23.05
C LYS A 246 3.19 19.83 24.05
N PRO A 247 3.63 20.52 25.13
CA PRO A 247 4.54 19.85 26.09
C PRO A 247 3.96 18.51 26.55
N ARG A 248 4.76 17.46 26.62
CA ARG A 248 4.25 16.14 27.04
C ARG A 248 3.37 15.41 26.00
N VAL A 249 2.95 16.06 24.87
CA VAL A 249 2.14 15.35 23.87
C VAL A 249 2.84 15.29 22.51
N ARG A 250 3.27 14.08 22.09
N ARG A 250 3.20 14.09 22.10
CA ARG A 250 3.98 13.80 20.84
CA ARG A 250 3.76 13.91 20.79
C ARG A 250 3.20 12.75 20.02
C ARG A 250 2.89 12.91 20.05
N LEU A 251 2.86 13.08 18.75
CA LEU A 251 2.14 12.15 17.89
C LEU A 251 3.14 11.45 16.97
N HIS A 252 2.98 10.13 16.84
CA HIS A 252 3.79 9.30 15.96
C HIS A 252 2.94 8.97 14.72
N PHE A 253 3.61 8.86 13.59
CA PHE A 253 2.98 8.45 12.34
C PHE A 253 3.98 7.74 11.45
N VAL A 254 3.47 6.94 10.54
CA VAL A 254 4.28 6.26 9.52
C VAL A 254 3.99 7.06 8.23
N GLU A 255 5.00 7.24 7.37
CA GLU A 255 4.85 8.05 6.20
C GLU A 255 5.36 7.35 4.96
N LEU A 256 4.58 7.34 3.91
CA LEU A 256 5.01 6.68 2.66
C LEU A 256 4.38 7.37 1.46
N GLY A 257 5.19 7.62 0.42
CA GLY A 257 4.69 8.16 -0.82
C GLY A 257 4.90 9.64 -1.04
N SER A 258 4.58 10.09 -2.26
CA SER A 258 4.63 11.50 -2.61
C SER A 258 3.32 11.91 -3.21
N GLY A 259 3.02 13.21 -3.14
CA GLY A 259 1.78 13.72 -3.70
C GLY A 259 0.93 14.38 -2.61
N PRO A 260 -0.37 14.54 -2.87
CA PRO A 260 -1.25 15.18 -1.86
C PRO A 260 -1.23 14.40 -0.55
N ALA A 261 -1.14 15.12 0.59
CA ALA A 261 -1.09 14.46 1.92
C ALA A 261 -2.46 13.84 2.26
N VAL A 262 -2.44 12.59 2.72
CA VAL A 262 -3.61 11.82 3.13
C VAL A 262 -3.32 11.31 4.53
N CYS A 263 -4.09 11.79 5.50
CA CYS A 263 -3.94 11.46 6.90
CA CYS A 263 -3.96 11.45 6.93
C CYS A 263 -4.96 10.38 7.28
N LEU A 264 -4.46 9.21 7.64
CA LEU A 264 -5.31 8.06 8.02
C LEU A 264 -5.43 8.03 9.54
N CYS A 265 -6.67 7.98 10.05
CA CYS A 265 -6.98 8.06 11.48
C CYS A 265 -7.76 6.80 11.93
N HIS A 266 -7.11 5.91 12.63
CA HIS A 266 -7.70 4.67 13.09
C HIS A 266 -8.72 4.83 14.24
N GLY A 267 -9.40 3.72 14.55
CA GLY A 267 -10.40 3.70 15.61
C GLY A 267 -9.93 2.95 16.84
N PHE A 268 -10.90 2.53 17.65
CA PHE A 268 -10.62 1.84 18.88
C PHE A 268 -10.78 0.32 18.74
N PRO A 269 -9.88 -0.46 19.35
CA PRO A 269 -8.59 -0.07 19.97
C PRO A 269 -7.50 -0.49 18.97
N GLU A 270 -7.14 0.42 18.05
CA GLU A 270 -6.31 0.01 16.93
C GLU A 270 -4.92 0.70 16.93
N SER A 271 -4.39 0.99 15.74
CA SER A 271 -3.01 1.40 15.56
C SER A 271 -2.88 1.96 14.16
N TRP A 272 -1.75 2.65 13.86
CA TRP A 272 -1.44 3.00 12.47
C TRP A 272 -1.47 1.72 11.56
N TYR A 273 -1.08 0.57 12.17
CA TYR A 273 -0.98 -0.73 11.50
C TYR A 273 -2.30 -1.28 11.01
N SER A 274 -3.44 -0.74 11.53
CA SER A 274 -4.72 -1.13 10.99
C SER A 274 -4.89 -0.73 9.53
N TRP A 275 -4.04 0.21 9.03
CA TRP A 275 -4.09 0.66 7.64
C TRP A 275 -2.99 -0.06 6.79
N ARG A 276 -2.35 -1.15 7.34
CA ARG A 276 -1.25 -1.84 6.66
C ARG A 276 -1.54 -2.21 5.18
N TYR A 277 -2.80 -2.53 4.83
CA TYR A 277 -3.10 -2.84 3.42
C TYR A 277 -3.35 -1.61 2.56
N GLN A 278 -3.69 -0.47 3.19
CA GLN A 278 -4.01 0.76 2.47
C GLN A 278 -2.77 1.60 2.20
N ILE A 279 -1.83 1.65 3.15
CA ILE A 279 -0.63 2.50 3.01
C ILE A 279 0.16 2.25 1.71
N PRO A 280 0.56 1.01 1.36
CA PRO A 280 1.28 0.82 0.09
C PRO A 280 0.42 1.18 -1.13
N ALA A 281 -0.86 0.78 -1.09
CA ALA A 281 -1.75 1.05 -2.24
C ALA A 281 -1.95 2.54 -2.50
N LEU A 282 -2.25 3.33 -1.45
CA LEU A 282 -2.47 4.76 -1.63
C LEU A 282 -1.16 5.45 -2.06
N ALA A 283 0.00 5.01 -1.53
CA ALA A 283 1.29 5.62 -1.92
C ALA A 283 1.53 5.34 -3.43
N GLN A 284 1.29 4.09 -3.84
CA GLN A 284 1.47 3.70 -5.24
C GLN A 284 0.53 4.47 -6.16
N ALA A 285 -0.68 4.77 -5.67
CA ALA A 285 -1.68 5.55 -6.42
C ALA A 285 -1.35 7.03 -6.58
N GLY A 286 -0.27 7.52 -5.93
CA GLY A 286 0.21 8.89 -6.09
C GLY A 286 -0.09 9.82 -4.92
N TYR A 287 -0.14 9.25 -3.70
CA TYR A 287 -0.45 10.05 -2.50
C TYR A 287 0.66 9.92 -1.46
N ARG A 288 0.79 10.95 -0.62
CA ARG A 288 1.74 10.96 0.51
C ARG A 288 0.90 10.58 1.72
N VAL A 289 1.06 9.35 2.18
CA VAL A 289 0.23 8.81 3.26
C VAL A 289 0.89 9.05 4.60
N LEU A 290 0.12 9.55 5.56
CA LEU A 290 0.56 9.79 6.95
C LEU A 290 -0.41 8.92 7.80
N ALA A 291 0.04 7.75 8.29
CA ALA A 291 -0.87 6.85 9.04
C ALA A 291 -0.56 7.08 10.50
N MET A 292 -1.48 7.70 11.21
CA MET A 292 -1.24 8.10 12.60
C MET A 292 -1.37 6.96 13.59
N ASP A 293 -0.63 7.09 14.71
CA ASP A 293 -0.95 6.45 15.96
C ASP A 293 -1.74 7.61 16.64
N MET A 294 -3.04 7.42 16.82
CA MET A 294 -3.88 8.46 17.42
C MET A 294 -3.45 8.68 18.90
N LYS A 295 -3.82 9.83 19.48
CA LYS A 295 -3.46 10.12 20.89
C LYS A 295 -3.95 9.01 21.81
N GLY A 296 -3.06 8.55 22.67
CA GLY A 296 -3.37 7.44 23.57
C GLY A 296 -2.87 6.08 23.09
N TYR A 297 -2.34 5.98 21.83
CA TYR A 297 -1.96 4.72 21.24
C TYR A 297 -0.51 4.61 20.76
N GLY A 298 -0.01 3.38 20.74
CA GLY A 298 1.28 3.02 20.16
C GLY A 298 2.42 3.87 20.65
N GLU A 299 3.11 4.53 19.70
CA GLU A 299 4.22 5.42 20.05
C GLU A 299 3.81 6.86 20.29
N SER A 300 2.50 7.19 20.20
CA SER A 300 2.05 8.53 20.53
C SER A 300 1.88 8.62 22.07
N SER A 301 1.91 9.84 22.59
CA SER A 301 1.75 10.07 24.03
C SER A 301 0.37 9.62 24.47
N ALA A 302 0.27 9.21 25.75
CA ALA A 302 -1.00 8.76 26.30
C ALA A 302 -1.16 9.37 27.70
N PRO A 303 -1.50 10.68 27.78
CA PRO A 303 -1.71 11.29 29.10
C PRO A 303 -2.93 10.65 29.77
N PRO A 304 -2.94 10.59 31.10
CA PRO A 304 -4.03 9.87 31.78
C PRO A 304 -5.37 10.60 31.89
N GLU A 305 -5.37 11.94 31.82
CA GLU A 305 -6.60 12.74 32.06
C GLU A 305 -7.67 12.49 31.02
N ILE A 306 -8.91 12.28 31.45
CA ILE A 306 -10.04 12.03 30.53
C ILE A 306 -10.22 13.16 29.52
N GLU A 307 -10.19 14.42 30.00
CA GLU A 307 -10.46 15.60 29.17
C GLU A 307 -9.41 15.86 28.05
N GLU A 308 -8.25 15.21 28.13
CA GLU A 308 -7.25 15.27 27.07
C GLU A 308 -7.75 14.56 25.78
N TYR A 309 -8.83 13.78 25.88
CA TYR A 309 -9.34 12.98 24.77
C TYR A 309 -10.69 13.41 24.27
N CYS A 310 -11.11 14.64 24.62
CA CYS A 310 -12.37 15.15 24.08
C CYS A 310 -12.09 15.56 22.63
N MET A 311 -13.13 15.59 21.79
CA MET A 311 -12.96 15.88 20.37
C MET A 311 -12.35 17.24 20.08
N GLU A 312 -12.72 18.26 20.86
CA GLU A 312 -12.17 19.59 20.67
C GLU A 312 -10.62 19.59 20.82
N VAL A 313 -10.12 18.93 21.89
CA VAL A 313 -8.70 18.82 22.12
C VAL A 313 -8.03 18.01 21.04
N LEU A 314 -8.61 16.86 20.69
CA LEU A 314 -8.02 15.96 19.70
C LEU A 314 -7.93 16.66 18.31
N CYS A 315 -8.98 17.40 17.94
CA CYS A 315 -8.99 18.11 16.66
C CYS A 315 -7.97 19.24 16.63
N LYS A 316 -7.86 20.00 17.74
CA LYS A 316 -6.88 21.12 17.84
C LYS A 316 -5.47 20.56 17.68
N GLU A 317 -5.22 19.39 18.30
CA GLU A 317 -3.91 18.74 18.16
C GLU A 317 -3.64 18.30 16.71
N MET A 318 -4.65 17.80 15.98
CA MET A 318 -4.45 17.38 14.59
C MET A 318 -4.16 18.66 13.73
N VAL A 319 -4.76 19.82 14.09
CA VAL A 319 -4.43 21.07 13.39
C VAL A 319 -2.97 21.44 13.67
N THR A 320 -2.54 21.35 14.92
CA THR A 320 -1.17 21.64 15.30
C THR A 320 -0.19 20.71 14.57
N PHE A 321 -0.58 19.44 14.44
CA PHE A 321 0.22 18.42 13.73
C PHE A 321 0.49 18.87 12.26
N LEU A 322 -0.57 19.32 11.56
CA LEU A 322 -0.41 19.83 10.20
C LEU A 322 0.52 21.08 10.21
N ASP A 323 0.29 22.01 11.13
CA ASP A 323 1.12 23.24 11.26
C ASP A 323 2.60 22.88 11.42
N LYS A 324 2.95 21.95 12.34
CA LYS A 324 4.36 21.61 12.58
C LYS A 324 4.98 20.93 11.38
N LEU A 325 4.20 20.14 10.63
CA LEU A 325 4.69 19.50 9.41
C LEU A 325 4.76 20.46 8.20
N GLY A 326 4.20 21.66 8.33
CA GLY A 326 4.16 22.65 7.26
C GLY A 326 3.16 22.29 6.20
N LEU A 327 2.03 21.61 6.59
CA LEU A 327 0.98 21.22 5.66
C LEU A 327 -0.24 22.14 5.79
N SER A 328 -0.58 22.87 4.70
CA SER A 328 -1.76 23.75 4.77
C SER A 328 -3.05 22.91 4.81
N GLN A 329 -3.04 21.75 4.15
CA GLN A 329 -4.21 20.86 4.20
C GLN A 329 -3.76 19.38 4.14
N ALA A 330 -4.69 18.49 4.48
CA ALA A 330 -4.52 17.08 4.21
C ALA A 330 -5.92 16.53 3.93
N VAL A 331 -5.99 15.42 3.21
CA VAL A 331 -7.22 14.68 3.08
C VAL A 331 -7.30 13.89 4.43
N PHE A 332 -8.47 13.83 5.09
CA PHE A 332 -8.58 13.06 6.33
C PHE A 332 -9.49 11.88 6.07
N ILE A 333 -8.98 10.67 6.36
CA ILE A 333 -9.75 9.44 6.23
C ILE A 333 -9.74 8.77 7.57
N GLY A 334 -10.91 8.49 8.10
CA GLY A 334 -11.00 7.88 9.43
C GLY A 334 -11.86 6.63 9.46
N HIS A 335 -11.67 5.81 10.50
CA HIS A 335 -12.50 4.61 10.71
C HIS A 335 -12.91 4.58 12.20
N ASP A 336 -14.18 4.31 12.51
CA ASP A 336 -14.63 4.20 13.92
C ASP A 336 -14.42 5.56 14.66
N TRP A 337 -13.72 5.61 15.82
CA TRP A 337 -13.46 6.90 16.47
C TRP A 337 -12.69 7.89 15.54
N GLY A 338 -11.82 7.37 14.69
CA GLY A 338 -11.11 8.22 13.72
C GLY A 338 -12.08 8.84 12.71
N GLY A 339 -13.13 8.09 12.34
CA GLY A 339 -14.14 8.61 11.42
C GLY A 339 -14.96 9.70 12.08
N MET A 340 -15.27 9.55 13.39
CA MET A 340 -15.96 10.63 14.11
C MET A 340 -15.06 11.89 14.14
N LEU A 341 -13.76 11.68 14.38
CA LEU A 341 -12.82 12.79 14.41
C LEU A 341 -12.76 13.52 13.06
N VAL A 342 -12.67 12.78 11.92
CA VAL A 342 -12.55 13.47 10.64
C VAL A 342 -13.81 14.27 10.26
N TRP A 343 -15.01 13.84 10.68
CA TRP A 343 -16.20 14.66 10.41
C TRP A 343 -16.11 15.99 11.18
N TYR A 344 -15.64 15.96 12.44
CA TYR A 344 -15.51 17.19 13.22
C TYR A 344 -14.35 18.06 12.71
N MET A 345 -13.31 17.45 12.09
CA MET A 345 -12.26 18.27 11.43
C MET A 345 -12.90 19.01 10.25
N ALA A 346 -13.77 18.36 9.50
CA ALA A 346 -14.44 18.97 8.34
C ALA A 346 -15.40 20.10 8.80
N LEU A 347 -16.06 19.92 9.94
CA LEU A 347 -17.00 20.93 10.47
C LEU A 347 -16.32 22.16 11.12
N PHE A 348 -15.18 21.97 11.79
CA PHE A 348 -14.55 23.03 12.54
C PHE A 348 -13.33 23.63 11.87
N TYR A 349 -12.64 22.87 10.99
CA TYR A 349 -11.44 23.31 10.30
C TYR A 349 -11.48 22.99 8.80
N PRO A 350 -12.55 23.36 8.09
CA PRO A 350 -12.63 23.04 6.65
C PRO A 350 -11.48 23.59 5.80
N GLU A 351 -10.88 24.69 6.26
CA GLU A 351 -9.77 25.29 5.54
C GLU A 351 -8.52 24.34 5.51
N ARG A 352 -8.42 23.43 6.48
CA ARG A 352 -7.28 22.50 6.61
C ARG A 352 -7.59 21.09 6.06
N VAL A 353 -8.83 20.83 5.67
CA VAL A 353 -9.23 19.54 5.19
C VAL A 353 -9.48 19.61 3.71
N ARG A 354 -8.62 18.98 2.93
CA ARG A 354 -8.77 18.96 1.49
C ARG A 354 -10.05 18.19 1.07
N ALA A 355 -10.35 17.08 1.76
CA ALA A 355 -11.48 16.20 1.52
C ALA A 355 -11.56 15.30 2.77
N VAL A 356 -12.74 14.69 2.98
CA VAL A 356 -12.93 13.88 4.16
C VAL A 356 -13.62 12.57 3.82
N ALA A 357 -13.17 11.45 4.43
CA ALA A 357 -13.83 10.17 4.18
C ALA A 357 -13.92 9.41 5.50
N SER A 358 -15.04 8.76 5.73
CA SER A 358 -15.21 7.92 6.90
C SER A 358 -15.61 6.48 6.50
N LEU A 359 -14.98 5.49 7.15
CA LEU A 359 -15.34 4.09 7.04
C LEU A 359 -16.19 3.79 8.27
N ASN A 360 -17.45 3.37 8.03
CA ASN A 360 -18.42 2.89 9.01
C ASN A 360 -19.10 3.97 9.85
N THR A 361 -18.34 4.95 10.36
CA THR A 361 -18.90 5.97 11.26
C THR A 361 -19.69 7.01 10.52
N PRO A 362 -20.99 7.10 10.82
CA PRO A 362 -21.80 8.11 10.13
C PRO A 362 -21.65 9.49 10.75
N PHE A 363 -22.15 10.52 10.03
CA PHE A 363 -22.21 11.84 10.61
C PHE A 363 -23.67 12.08 11.00
N ILE A 364 -23.94 12.13 12.31
CA ILE A 364 -25.29 12.39 12.80
C ILE A 364 -25.21 13.61 13.70
N PRO A 365 -25.81 14.75 13.31
CA PRO A 365 -25.70 15.95 14.13
C PRO A 365 -26.19 15.74 15.57
N ALA A 366 -25.56 16.41 16.52
CA ALA A 366 -25.96 16.29 17.93
C ALA A 366 -27.41 16.79 18.12
N ASN A 367 -28.15 16.15 19.01
CA ASN A 367 -29.54 16.56 19.31
C ASN A 367 -29.43 17.48 20.51
N PRO A 368 -29.72 18.77 20.34
CA PRO A 368 -29.54 19.73 21.44
C PRO A 368 -30.58 19.59 22.56
N ASN A 369 -31.61 18.75 22.36
CA ASN A 369 -32.68 18.55 23.33
C ASN A 369 -32.56 17.21 24.09
N MET A 370 -31.47 16.46 23.91
CA MET A 370 -31.32 15.19 24.62
C MET A 370 -29.87 15.01 25.00
N SER A 371 -29.62 14.57 26.25
CA SER A 371 -28.27 14.33 26.75
C SER A 371 -27.67 13.16 25.97
N PRO A 372 -26.37 13.21 25.63
CA PRO A 372 -25.77 12.08 24.88
C PRO A 372 -25.94 10.74 25.60
N LEU A 373 -26.01 10.76 26.95
CA LEU A 373 -26.23 9.60 27.81
C LEU A 373 -27.56 8.93 27.47
N GLU A 374 -28.63 9.71 27.31
CA GLU A 374 -29.94 9.14 27.00
C GLU A 374 -30.01 8.61 25.57
N SER A 375 -29.32 9.26 24.63
CA SER A 375 -29.26 8.80 23.25
C SER A 375 -28.53 7.45 23.18
N ILE A 376 -27.44 7.30 23.96
CA ILE A 376 -26.67 6.05 23.98
C ILE A 376 -27.47 4.91 24.61
N LYS A 377 -28.25 5.22 25.66
CA LYS A 377 -29.08 4.23 26.34
C LYS A 377 -30.20 3.67 25.46
N ALA A 378 -30.67 4.47 24.48
CA ALA A 378 -31.75 4.07 23.57
C ALA A 378 -31.37 2.97 22.55
N ASN A 379 -30.08 2.80 22.26
CA ASN A 379 -29.64 1.80 21.28
C ASN A 379 -28.96 0.64 21.99
N PRO A 380 -29.60 -0.56 21.97
CA PRO A 380 -29.00 -1.71 22.67
C PRO A 380 -27.58 -2.09 22.26
N VAL A 381 -27.23 -1.90 20.97
CA VAL A 381 -25.88 -2.26 20.50
C VAL A 381 -24.79 -1.33 21.06
N PHE A 382 -25.16 -0.18 21.68
CA PHE A 382 -24.20 0.75 22.29
C PHE A 382 -24.03 0.50 23.80
N ASP A 383 -24.45 -0.67 24.32
CA ASP A 383 -24.28 -0.96 25.75
C ASP A 383 -22.81 -1.06 26.19
N TYR A 384 -21.94 -1.52 25.30
CA TYR A 384 -20.51 -1.58 25.63
C TYR A 384 -19.94 -0.17 25.95
N GLN A 385 -20.54 0.90 25.39
CA GLN A 385 -20.08 2.26 25.68
C GLN A 385 -20.35 2.63 27.15
N LEU A 386 -21.48 2.14 27.73
CA LEU A 386 -21.76 2.42 29.14
C LEU A 386 -20.76 1.65 30.02
N TYR A 387 -20.44 0.39 29.63
CA TYR A 387 -19.45 -0.41 30.35
C TYR A 387 -18.08 0.29 30.35
N PHE A 388 -17.73 0.95 29.24
CA PHE A 388 -16.46 1.69 29.17
C PHE A 388 -16.42 3.01 30.00
N GLN A 389 -17.54 3.46 30.59
CA GLN A 389 -17.56 4.74 31.32
C GLN A 389 -16.76 4.76 32.62
N GLU A 390 -16.97 3.77 33.50
CA GLU A 390 -16.30 3.77 34.81
C GLU A 390 -14.79 3.53 34.72
N PRO A 391 -13.99 4.54 35.12
CA PRO A 391 -12.54 4.38 34.99
C PRO A 391 -11.95 3.18 35.74
N GLY A 392 -11.16 2.40 35.01
CA GLY A 392 -10.45 1.24 35.53
C GLY A 392 -11.08 -0.12 35.27
N VAL A 393 -12.39 -0.16 35.07
CA VAL A 393 -13.09 -1.43 34.87
C VAL A 393 -12.74 -2.11 33.55
N ALA A 394 -13.01 -1.43 32.41
CA ALA A 394 -12.69 -1.98 31.12
C ALA A 394 -11.18 -2.07 30.96
N GLU A 395 -10.37 -1.15 31.56
CA GLU A 395 -8.90 -1.28 31.43
C GLU A 395 -8.42 -2.62 32.01
N ALA A 396 -8.91 -2.99 33.19
CA ALA A 396 -8.48 -4.25 33.82
C ALA A 396 -8.84 -5.46 32.98
N GLU A 397 -10.07 -5.48 32.42
CA GLU A 397 -10.47 -6.60 31.58
C GLU A 397 -9.66 -6.65 30.29
N LEU A 398 -9.51 -5.51 29.59
CA LEU A 398 -8.80 -5.50 28.32
C LEU A 398 -7.31 -5.72 28.45
N GLU A 399 -6.70 -5.28 29.56
CA GLU A 399 -5.25 -5.44 29.76
C GLU A 399 -4.88 -6.82 30.37
N GLN A 400 -5.85 -7.56 30.93
CA GLN A 400 -5.54 -8.82 31.58
C GLN A 400 -4.75 -9.83 30.69
N ASN A 401 -5.08 -9.95 29.41
CA ASN A 401 -4.42 -10.87 28.49
C ASN A 401 -4.56 -10.24 27.12
N LEU A 402 -3.54 -9.51 26.68
CA LEU A 402 -3.63 -8.76 25.44
C LEU A 402 -3.89 -9.60 24.20
N SER A 403 -3.28 -10.79 24.11
CA SER A 403 -3.47 -11.65 22.96
C SER A 403 -4.94 -12.07 22.88
N ARG A 404 -5.54 -12.41 24.04
CA ARG A 404 -6.94 -12.81 24.09
C ARG A 404 -7.82 -11.63 23.69
N THR A 405 -7.48 -10.41 24.16
CA THR A 405 -8.24 -9.21 23.80
C THR A 405 -8.29 -9.01 22.28
N PHE A 406 -7.13 -8.98 21.59
CA PHE A 406 -7.14 -8.70 20.15
C PHE A 406 -7.70 -9.86 19.34
N LYS A 407 -7.40 -11.10 19.75
CA LYS A 407 -7.99 -12.25 19.06
C LYS A 407 -9.50 -12.29 19.23
N SER A 408 -10.02 -11.83 20.38
CA SER A 408 -11.49 -11.81 20.58
C SER A 408 -12.14 -10.68 19.77
N LEU A 409 -11.50 -9.51 19.72
CA LEU A 409 -12.07 -8.34 19.05
C LEU A 409 -12.02 -8.42 17.53
N PHE A 410 -10.84 -8.74 16.97
CA PHE A 410 -10.59 -8.69 15.51
C PHE A 410 -11.07 -9.94 14.83
N ARG A 411 -12.37 -10.00 14.55
CA ARG A 411 -12.96 -11.19 13.92
C ARG A 411 -13.89 -10.79 12.78
N ALA A 412 -13.98 -11.62 11.74
CA ALA A 412 -14.88 -11.39 10.62
C ALA A 412 -16.35 -11.59 11.09
N SER A 413 -17.33 -11.17 10.27
CA SER A 413 -18.73 -11.20 10.68
C SER A 413 -19.27 -12.58 11.04
N ASP A 414 -18.70 -13.63 10.45
CA ASP A 414 -19.15 -14.99 10.72
C ASP A 414 -18.28 -15.73 11.75
N GLU A 415 -17.43 -15.00 12.52
CA GLU A 415 -16.54 -15.61 13.51
C GLU A 415 -16.73 -15.09 14.94
N SER A 416 -17.71 -14.20 15.18
CA SER A 416 -17.87 -13.58 16.50
C SER A 416 -17.89 -14.51 17.73
N VAL A 417 -17.28 -13.98 18.80
CA VAL A 417 -17.27 -14.50 20.16
C VAL A 417 -17.81 -13.40 21.14
N LEU A 418 -17.94 -12.11 20.68
CA LEU A 418 -18.42 -10.95 21.44
C LEU A 418 -19.64 -10.25 20.83
N SER A 419 -20.71 -10.13 21.60
CA SER A 419 -21.90 -9.38 21.19
C SER A 419 -21.82 -8.05 21.95
N MET A 420 -21.88 -6.90 21.25
CA MET A 420 -21.76 -5.58 21.87
C MET A 420 -22.96 -5.13 22.72
N HIS A 421 -23.95 -6.01 22.90
CA HIS A 421 -25.12 -5.72 23.73
C HIS A 421 -25.07 -6.55 25.03
N LYS A 422 -25.79 -6.09 26.07
CA LYS A 422 -25.85 -6.76 27.38
C LYS A 422 -24.49 -6.93 28.07
N VAL A 423 -23.54 -6.01 27.82
CA VAL A 423 -22.20 -6.08 28.38
C VAL A 423 -22.15 -5.75 29.88
N CYS A 424 -22.87 -4.70 30.30
CA CYS A 424 -22.90 -4.31 31.71
C CYS A 424 -23.53 -5.39 32.57
N GLU A 425 -24.65 -5.97 32.11
N GLU A 425 -24.65 -5.97 32.11
CA GLU A 425 -25.37 -7.03 32.82
CA GLU A 425 -25.37 -7.03 32.82
C GLU A 425 -24.54 -8.31 32.88
C GLU A 425 -24.54 -8.31 32.88
N ALA A 426 -23.77 -8.60 31.83
CA ALA A 426 -22.92 -9.79 31.79
C ALA A 426 -21.72 -9.66 32.73
N GLY A 427 -21.20 -8.44 32.87
CA GLY A 427 -20.05 -8.16 33.73
C GLY A 427 -18.77 -7.84 32.98
N GLY A 428 -18.82 -7.87 31.65
CA GLY A 428 -17.67 -7.56 30.80
C GLY A 428 -17.85 -8.01 29.38
N LEU A 429 -16.96 -7.56 28.50
CA LEU A 429 -16.96 -7.92 27.08
C LEU A 429 -16.68 -9.40 26.82
N PHE A 430 -15.79 -10.01 27.60
CA PHE A 430 -15.32 -11.37 27.36
C PHE A 430 -15.83 -12.46 28.29
N VAL A 431 -16.84 -12.18 29.13
CA VAL A 431 -17.32 -13.18 30.10
C VAL A 431 -17.89 -14.46 29.47
N ASN A 432 -18.46 -14.38 28.25
CA ASN A 432 -18.95 -15.59 27.57
C ASN A 432 -18.03 -15.98 26.41
N SER A 433 -16.73 -15.60 26.48
CA SER A 433 -15.76 -15.83 25.43
C SER A 433 -14.67 -16.81 25.87
N PRO A 434 -14.11 -17.56 24.92
CA PRO A 434 -13.08 -18.53 25.29
C PRO A 434 -11.80 -17.89 25.79
N GLU A 435 -11.04 -18.64 26.60
CA GLU A 435 -9.76 -18.15 27.12
C GLU A 435 -8.71 -18.07 26.04
N GLU A 436 -8.73 -19.02 25.11
CA GLU A 436 -7.81 -19.09 24.00
C GLU A 436 -8.62 -19.08 22.73
N PRO A 437 -9.03 -17.90 22.26
CA PRO A 437 -9.83 -17.84 21.03
C PRO A 437 -9.07 -18.32 19.80
N SER A 438 -9.80 -18.79 18.81
CA SER A 438 -9.19 -19.22 17.56
C SER A 438 -8.72 -17.97 16.78
N LEU A 439 -7.73 -18.14 15.92
CA LEU A 439 -7.21 -17.02 15.13
C LEU A 439 -8.18 -16.73 13.98
N SER A 440 -8.58 -15.48 13.83
CA SER A 440 -9.48 -15.08 12.75
C SER A 440 -8.77 -15.25 11.40
N ARG A 441 -9.55 -15.47 10.33
CA ARG A 441 -8.97 -15.52 8.98
C ARG A 441 -8.40 -14.14 8.54
N MET A 442 -8.79 -13.05 9.23
CA MET A 442 -8.32 -11.71 8.88
C MET A 442 -6.94 -11.42 9.37
N VAL A 443 -6.49 -12.07 10.46
CA VAL A 443 -5.22 -11.76 11.09
C VAL A 443 -4.33 -12.99 11.29
N THR A 444 -3.01 -12.81 11.16
CA THR A 444 -2.07 -13.86 11.47
C THR A 444 -1.67 -13.72 12.95
N GLU A 445 -0.99 -14.75 13.52
CA GLU A 445 -0.49 -14.66 14.89
C GLU A 445 0.53 -13.51 15.00
N GLU A 446 1.35 -13.30 13.96
CA GLU A 446 2.36 -12.24 13.95
C GLU A 446 1.71 -10.83 13.97
N GLU A 447 0.57 -10.67 13.29
CA GLU A 447 -0.17 -9.41 13.29
C GLU A 447 -0.78 -9.14 14.64
N ILE A 448 -1.39 -10.18 15.28
CA ILE A 448 -1.90 -10.02 16.63
C ILE A 448 -0.77 -9.60 17.58
N GLN A 449 0.40 -10.24 17.48
CA GLN A 449 1.52 -9.93 18.37
C GLN A 449 2.05 -8.49 18.19
N PHE A 450 1.90 -7.91 16.99
CA PHE A 450 2.25 -6.47 16.79
C PHE A 450 1.32 -5.60 17.65
N TYR A 451 -0.02 -5.84 17.59
CA TYR A 451 -0.95 -5.08 18.44
C TYR A 451 -0.65 -5.28 19.91
N VAL A 452 -0.37 -6.54 20.32
CA VAL A 452 -0.03 -6.82 21.72
C VAL A 452 1.18 -5.94 22.17
N GLN A 453 2.27 -5.94 21.39
N GLN A 453 2.25 -5.94 21.35
CA GLN A 453 3.45 -5.17 21.76
CA GLN A 453 3.49 -5.20 21.55
C GLN A 453 3.15 -3.67 21.82
C GLN A 453 3.20 -3.69 21.73
N GLN A 454 2.33 -3.15 20.89
CA GLN A 454 1.98 -1.73 20.91
C GLN A 454 1.24 -1.33 22.17
N PHE A 455 0.31 -2.18 22.60
CA PHE A 455 -0.49 -1.90 23.76
C PHE A 455 0.23 -2.17 25.11
N LYS A 456 1.40 -2.79 25.07
CA LYS A 456 2.17 -2.96 26.31
C LYS A 456 2.65 -1.62 26.86
N LYS A 457 2.90 -0.62 25.97
CA LYS A 457 3.42 0.66 26.43
C LYS A 457 2.44 1.45 27.32
N SER A 458 1.24 1.73 26.83
CA SER A 458 0.30 2.56 27.56
C SER A 458 -1.01 1.87 27.98
N GLY A 459 -1.30 0.70 27.44
CA GLY A 459 -2.52 -0.01 27.78
C GLY A 459 -3.77 0.67 27.23
N PHE A 460 -4.90 0.50 27.93
CA PHE A 460 -6.18 0.95 27.44
C PHE A 460 -6.74 2.19 28.08
N ARG A 461 -6.02 2.88 28.99
CA ARG A 461 -6.59 4.10 29.61
C ARG A 461 -6.85 5.25 28.57
N GLY A 462 -5.82 5.61 27.81
CA GLY A 462 -5.92 6.62 26.74
C GLY A 462 -7.02 6.27 25.73
N PRO A 463 -6.90 5.07 25.13
CA PRO A 463 -7.94 4.58 24.21
C PRO A 463 -9.37 4.66 24.77
N LEU A 464 -9.59 4.14 26.01
CA LEU A 464 -10.95 4.19 26.59
C LEU A 464 -11.42 5.61 26.88
N ASN A 465 -10.49 6.50 27.21
CA ASN A 465 -10.83 7.90 27.47
C ASN A 465 -11.50 8.56 26.25
N TRP A 466 -11.29 8.02 25.01
CA TRP A 466 -12.03 8.59 23.85
C TRP A 466 -13.56 8.46 24.06
N TYR A 467 -14.02 7.45 24.83
CA TYR A 467 -15.46 7.24 25.09
C TYR A 467 -15.97 8.00 26.32
N ARG A 468 -15.10 8.64 27.09
CA ARG A 468 -15.47 9.24 28.36
C ARG A 468 -15.68 10.76 28.32
N ASN A 469 -15.97 11.29 27.13
CA ASN A 469 -16.17 12.73 26.97
C ASN A 469 -17.50 12.99 26.25
N MET A 470 -18.51 12.12 26.43
CA MET A 470 -19.77 12.28 25.70
CA MET A 470 -19.81 12.27 25.75
C MET A 470 -20.45 13.66 25.91
N GLU A 471 -20.54 14.13 27.15
N GLU A 471 -20.54 14.15 27.15
CA GLU A 471 -21.14 15.43 27.43
CA GLU A 471 -21.16 15.46 27.40
C GLU A 471 -20.32 16.57 26.82
C GLU A 471 -20.32 16.63 26.86
N ARG A 472 -19.00 16.54 27.00
CA ARG A 472 -18.11 17.58 26.50
C ARG A 472 -18.20 17.66 24.96
N ASN A 473 -18.19 16.49 24.30
CA ASN A 473 -18.26 16.41 22.83
C ASN A 473 -19.59 16.91 22.32
N TRP A 474 -20.67 16.60 23.05
CA TRP A 474 -22.02 17.05 22.72
C TRP A 474 -22.13 18.59 22.80
N LYS A 475 -21.61 19.22 23.90
CA LYS A 475 -21.67 20.69 24.03
C LYS A 475 -20.89 21.35 22.84
N TRP A 476 -19.72 20.77 22.47
CA TRP A 476 -18.93 21.32 21.40
C TRP A 476 -19.63 21.11 20.05
N ALA A 477 -20.16 19.91 19.80
CA ALA A 477 -20.85 19.62 18.54
C ALA A 477 -22.06 20.52 18.35
N CYS A 478 -22.76 20.88 19.45
CA CYS A 478 -23.94 21.73 19.32
C CYS A 478 -23.60 23.12 18.72
N LYS A 479 -22.36 23.58 18.88
CA LYS A 479 -21.94 24.86 18.27
C LYS A 479 -21.97 24.80 16.73
N SER A 480 -21.93 23.60 16.14
CA SER A 480 -21.85 23.43 14.70
C SER A 480 -23.18 23.11 14.02
N LEU A 481 -24.29 23.09 14.75
CA LEU A 481 -25.59 22.65 14.22
C LEU A 481 -26.14 23.47 13.04
N GLY A 482 -25.73 24.72 12.92
CA GLY A 482 -26.15 25.54 11.80
C GLY A 482 -25.33 25.33 10.53
N ARG A 483 -24.24 24.55 10.63
CA ARG A 483 -23.34 24.33 9.50
C ARG A 483 -23.72 23.13 8.66
N LYS A 484 -23.19 23.08 7.44
CA LYS A 484 -23.23 21.91 6.59
C LYS A 484 -21.77 21.59 6.18
N ILE A 485 -21.52 20.37 5.77
CA ILE A 485 -20.21 19.98 5.27
C ILE A 485 -20.31 20.08 3.78
N LEU A 486 -19.61 21.06 3.21
CA LEU A 486 -19.66 21.34 1.79
C LEU A 486 -18.37 21.04 1.04
N ILE A 487 -17.31 20.56 1.75
CA ILE A 487 -16.09 20.13 1.08
C ILE A 487 -16.29 18.66 0.58
N PRO A 488 -15.40 18.13 -0.30
CA PRO A 488 -15.62 16.77 -0.84
C PRO A 488 -15.63 15.73 0.26
N ALA A 489 -16.64 14.88 0.26
CA ALA A 489 -16.83 13.90 1.34
C ALA A 489 -17.27 12.54 0.81
N LEU A 490 -16.81 11.48 1.47
CA LEU A 490 -17.17 10.11 1.14
C LEU A 490 -17.60 9.37 2.41
N MET A 491 -18.70 8.63 2.32
CA MET A 491 -19.17 7.81 3.44
C MET A 491 -19.12 6.36 2.94
N VAL A 492 -18.34 5.48 3.60
CA VAL A 492 -18.27 4.06 3.22
C VAL A 492 -18.97 3.21 4.26
N THR A 493 -20.05 2.51 3.88
CA THR A 493 -20.76 1.65 4.83
C THR A 493 -20.34 0.18 4.69
N ALA A 494 -20.43 -0.58 5.80
CA ALA A 494 -20.05 -1.99 5.83
C ALA A 494 -21.32 -2.76 6.18
N GLU A 495 -21.78 -3.62 5.28
CA GLU A 495 -23.04 -4.39 5.44
C GLU A 495 -23.22 -5.06 6.79
N LYS A 496 -22.21 -5.75 7.26
CA LYS A 496 -22.29 -6.52 8.48
C LYS A 496 -21.62 -5.91 9.70
N ASP A 497 -21.49 -4.56 9.76
CA ASP A 497 -21.05 -3.93 11.02
C ASP A 497 -22.41 -3.79 11.79
N PHE A 498 -22.60 -4.58 12.87
CA PHE A 498 -23.87 -4.53 13.60
C PHE A 498 -23.96 -3.42 14.66
N VAL A 499 -22.91 -2.59 14.81
CA VAL A 499 -22.97 -1.46 15.72
C VAL A 499 -23.11 -0.19 14.88
N LEU A 500 -22.16 0.01 13.94
CA LEU A 500 -22.21 1.15 13.02
C LEU A 500 -22.86 0.64 11.74
N VAL A 501 -24.19 0.40 11.82
CA VAL A 501 -24.96 -0.16 10.72
C VAL A 501 -25.14 0.84 9.58
N PRO A 502 -25.14 0.35 8.33
CA PRO A 502 -25.28 1.25 7.17
C PRO A 502 -26.48 2.19 7.23
N GLN A 503 -27.61 1.71 7.74
CA GLN A 503 -28.86 2.45 7.86
C GLN A 503 -28.71 3.72 8.73
N MET A 504 -27.76 3.70 9.69
CA MET A 504 -27.50 4.88 10.53
C MET A 504 -27.01 6.08 9.71
N SER A 505 -26.42 5.84 8.52
CA SER A 505 -25.90 6.89 7.65
C SER A 505 -26.95 7.45 6.66
N GLN A 506 -28.19 6.94 6.68
CA GLN A 506 -29.22 7.29 5.68
C GLN A 506 -29.62 8.77 5.54
N HIS A 507 -29.50 9.59 6.59
CA HIS A 507 -29.88 11.02 6.48
C HIS A 507 -28.70 11.97 6.23
N MET A 508 -27.49 11.43 6.04
CA MET A 508 -26.31 12.27 5.92
C MET A 508 -26.39 13.33 4.83
N GLU A 509 -27.10 13.06 3.72
CA GLU A 509 -27.19 14.05 2.62
C GLU A 509 -27.89 15.34 3.03
N ASP A 510 -28.70 15.30 4.09
CA ASP A 510 -29.34 16.52 4.60
C ASP A 510 -28.29 17.54 5.06
N TRP A 511 -27.12 17.05 5.56
CA TRP A 511 -26.05 17.88 6.12
C TRP A 511 -24.78 17.93 5.27
N ILE A 512 -24.63 16.98 4.34
CA ILE A 512 -23.46 16.89 3.44
C ILE A 512 -24.10 16.67 2.06
N PRO A 513 -24.70 17.72 1.47
CA PRO A 513 -25.49 17.52 0.24
C PRO A 513 -24.78 16.88 -0.94
N HIS A 514 -23.46 17.14 -1.09
CA HIS A 514 -22.64 16.60 -2.20
C HIS A 514 -21.95 15.24 -1.84
N LEU A 515 -22.32 14.63 -0.71
CA LEU A 515 -21.70 13.38 -0.25
C LEU A 515 -21.65 12.29 -1.32
N LYS A 516 -20.49 11.62 -1.44
CA LYS A 516 -20.33 10.45 -2.28
C LYS A 516 -20.34 9.23 -1.35
N ARG A 517 -20.70 8.08 -1.91
CA ARG A 517 -20.78 6.86 -1.10
C ARG A 517 -20.04 5.68 -1.69
N GLY A 518 -19.72 4.76 -0.80
CA GLY A 518 -19.19 3.44 -1.08
C GLY A 518 -19.89 2.46 -0.14
N HIS A 519 -20.01 1.21 -0.53
CA HIS A 519 -20.66 0.21 0.32
C HIS A 519 -19.97 -1.12 0.10
N ILE A 520 -19.61 -1.79 1.19
CA ILE A 520 -18.91 -3.07 1.16
C ILE A 520 -19.78 -4.19 1.71
N GLU A 521 -20.11 -5.15 0.85
CA GLU A 521 -20.91 -6.29 1.28
C GLU A 521 -20.06 -7.31 2.02
N ASP A 522 -20.70 -8.09 2.91
CA ASP A 522 -20.05 -9.16 3.69
C ASP A 522 -18.84 -8.61 4.47
N CYS A 523 -18.94 -7.38 4.92
CA CYS A 523 -17.89 -6.72 5.66
C CYS A 523 -18.34 -6.37 7.08
N GLY A 524 -17.54 -6.75 8.06
CA GLY A 524 -17.84 -6.46 9.46
C GLY A 524 -17.27 -5.10 9.88
N HIS A 525 -17.01 -4.95 11.18
CA HIS A 525 -16.52 -3.68 11.74
C HIS A 525 -15.11 -3.36 11.30
N TRP A 526 -14.22 -4.38 11.13
CA TRP A 526 -12.77 -4.15 10.88
C TRP A 526 -12.51 -4.01 9.40
N THR A 527 -13.17 -3.01 8.80
CA THR A 527 -13.23 -2.77 7.36
C THR A 527 -11.91 -2.91 6.62
N GLN A 528 -10.86 -2.23 7.09
CA GLN A 528 -9.58 -2.23 6.40
C GLN A 528 -8.97 -3.60 6.25
N MET A 529 -9.07 -4.45 7.28
CA MET A 529 -8.48 -5.79 7.20
C MET A 529 -9.47 -6.85 6.76
N ASP A 530 -10.78 -6.56 6.82
CA ASP A 530 -11.79 -7.53 6.41
C ASP A 530 -11.83 -7.58 4.89
N LYS A 531 -11.97 -6.42 4.22
CA LYS A 531 -12.06 -6.30 2.77
C LYS A 531 -11.05 -5.26 2.26
N PRO A 532 -9.75 -5.54 2.39
CA PRO A 532 -8.74 -4.53 1.98
C PRO A 532 -8.74 -4.18 0.50
N THR A 533 -8.97 -5.18 -0.37
CA THR A 533 -8.98 -4.93 -1.82
C THR A 533 -10.10 -3.96 -2.16
N GLU A 534 -11.28 -4.19 -1.59
CA GLU A 534 -12.45 -3.36 -1.83
C GLU A 534 -12.27 -1.94 -1.28
N VAL A 535 -11.72 -1.81 -0.07
CA VAL A 535 -11.44 -0.50 0.55
C VAL A 535 -10.48 0.30 -0.34
N ASN A 536 -9.39 -0.34 -0.80
CA ASN A 536 -8.40 0.32 -1.63
C ASN A 536 -9.02 0.82 -2.93
N GLN A 537 -9.85 -0.03 -3.57
CA GLN A 537 -10.52 0.36 -4.82
C GLN A 537 -11.43 1.61 -4.59
N ILE A 538 -12.24 1.59 -3.53
CA ILE A 538 -13.16 2.67 -3.23
C ILE A 538 -12.38 3.98 -2.91
N LEU A 539 -11.37 3.87 -2.04
CA LEU A 539 -10.61 5.06 -1.67
C LEU A 539 -9.85 5.65 -2.81
N ILE A 540 -9.16 4.83 -3.63
CA ILE A 540 -8.36 5.37 -4.73
C ILE A 540 -9.26 6.02 -5.79
N LYS A 541 -10.40 5.37 -6.09
CA LYS A 541 -11.35 5.96 -7.05
C LYS A 541 -11.85 7.34 -6.57
N TRP A 542 -12.17 7.45 -5.29
CA TRP A 542 -12.65 8.70 -4.71
C TRP A 542 -11.54 9.78 -4.65
N LEU A 543 -10.34 9.41 -4.20
CA LEU A 543 -9.23 10.35 -4.13
C LEU A 543 -8.90 10.90 -5.53
N ASP A 544 -8.82 10.03 -6.53
CA ASP A 544 -8.47 10.47 -7.89
C ASP A 544 -9.50 11.42 -8.51
N SER A 545 -10.79 11.29 -8.16
CA SER A 545 -11.81 12.17 -8.72
C SER A 545 -12.08 13.41 -7.88
N ASP A 546 -11.94 13.32 -6.55
CA ASP A 546 -12.31 14.42 -5.66
C ASP A 546 -11.21 15.06 -4.80
N ALA A 547 -10.02 14.44 -4.70
CA ALA A 547 -8.98 14.97 -3.83
C ALA A 547 -7.72 15.47 -4.54
N ARG A 548 -7.71 15.48 -5.88
N ARG A 548 -7.67 15.40 -5.88
CA ARG A 548 -6.54 15.99 -6.63
CA ARG A 548 -6.49 15.83 -6.62
C ARG A 548 -6.76 17.43 -7.07
C ARG A 548 -6.39 17.35 -6.73
C1 GOL B . -1.87 0.38 32.63
O1 GOL B . -2.88 -0.01 33.55
C2 GOL B . -1.12 1.61 33.11
O2 GOL B . -0.48 2.26 32.00
C3 GOL B . -2.02 2.59 33.81
O3 GOL B . -2.98 3.12 32.89
C1 GOL C . 26.04 13.69 -24.40
O1 GOL C . 24.99 14.04 -25.29
C2 GOL C . 27.33 14.37 -24.77
O2 GOL C . 27.27 15.75 -24.41
C3 GOL C . 28.54 13.72 -24.13
O3 GOL C . 28.61 12.32 -24.38
C1 GOL D . -17.87 4.53 18.61
O1 GOL D . -18.27 3.21 18.28
C2 GOL D . -17.99 5.44 17.40
O2 GOL D . -17.18 4.95 16.34
C3 GOL D . -17.62 6.88 17.73
O3 GOL D . -18.55 7.45 18.63
S SO4 E . 7.56 14.59 24.42
O1 SO4 E . 8.10 15.29 25.61
O2 SO4 E . 7.32 15.56 23.35
O3 SO4 E . 8.55 13.61 23.94
O4 SO4 E . 6.32 13.89 24.79
NA NA F . -26.36 -4.72 29.90
#